data_3PLT
#
_entry.id   3PLT
#
_cell.length_a   273.1600
_cell.length_b   38.7530
_cell.length_c   75.5090
_cell.angle_alpha   90.0000
_cell.angle_beta   99.3490
_cell.angle_gamma   90.0000
#
_symmetry.space_group_name_H-M   'C 1 2 1'
#
loop_
_entity.id
_entity.type
_entity.pdbx_description
1 polymer 'Sphingolipid long chain base-responsive protein LSP1'
2 water water
#
_entity_poly.entity_id   1
_entity_poly.type   'polypeptide(L)'
_entity_poly.pdbx_seq_one_letter_code
;GPASIASSFRKNAAGNFGPELARKLSQLVKTEKGVLRAMEVVASERREAAKQLSLWGADNDDDVSDVTDKLGVLIYELGE
LQDQFIDKYDQYRVTLKSIRNIEASVQPSRDRKEKITDEIAHLKYKDPQSTKIPVLEQELVRAEAESLVAEAQLSNITRE
KLKAAYSYMFDSLRELSEKFALIAGYGKALLELLDDSPVTPGEARPAYDGYEASRQIIMDAESALESWTLDMAA
;
_entity_poly.pdbx_strand_id   A,B,C
#
# COMPACT_ATOMS: atom_id res chain seq x y z
N GLY A 18 8.48 -49.65 18.24
CA GLY A 18 9.97 -49.58 18.00
C GLY A 18 10.77 -49.87 19.27
N PRO A 19 12.11 -50.01 19.14
CA PRO A 19 12.89 -50.24 20.36
C PRO A 19 12.77 -49.05 21.32
N GLU A 20 12.87 -49.33 22.61
CA GLU A 20 12.50 -48.38 23.66
C GLU A 20 13.28 -47.07 23.63
N LEU A 21 14.61 -47.17 23.69
CA LEU A 21 15.44 -45.97 23.82
C LEU A 21 15.43 -45.11 22.54
N ALA A 22 14.99 -45.72 21.44
CA ALA A 22 14.79 -45.03 20.17
C ALA A 22 13.61 -44.06 20.21
N ARG A 23 12.44 -44.56 20.64
CA ARG A 23 11.15 -43.85 20.46
C ARG A 23 11.21 -42.33 20.54
N LYS A 24 11.50 -41.80 21.72
CA LYS A 24 11.44 -40.33 21.97
C LYS A 24 12.30 -39.55 20.99
N LEU A 25 13.43 -40.10 20.60
CA LEU A 25 14.27 -39.47 19.61
C LEU A 25 13.71 -39.63 18.21
N SER A 26 13.07 -40.77 17.92
CA SER A 26 12.41 -40.94 16.62
C SER A 26 11.25 -39.96 16.45
N GLN A 27 10.54 -39.68 17.54
CA GLN A 27 9.44 -38.71 17.54
C GLN A 27 9.93 -37.32 17.16
N LEU A 28 11.08 -36.95 17.68
CA LEU A 28 11.69 -35.63 17.42
C LEU A 28 12.23 -35.55 16.00
N VAL A 29 12.90 -36.61 15.58
CA VAL A 29 13.37 -36.73 14.21
C VAL A 29 12.22 -36.57 13.21
N LYS A 30 11.07 -37.18 13.51
CA LYS A 30 9.90 -37.05 12.67
C LYS A 30 9.39 -35.61 12.63
N THR A 31 9.19 -35.03 13.80
CA THR A 31 8.68 -33.68 13.88
C THR A 31 9.57 -32.75 13.10
N GLU A 32 10.87 -32.95 13.20
CA GLU A 32 11.83 -32.11 12.50
C GLU A 32 11.83 -32.31 10.98
N LYS A 33 11.50 -33.50 10.48
CA LYS A 33 11.26 -33.67 9.04
C LYS A 33 10.15 -32.74 8.58
N GLY A 34 9.09 -32.64 9.37
CA GLY A 34 7.94 -31.79 9.06
C GLY A 34 8.29 -30.32 9.00
N VAL A 35 9.15 -29.88 9.93
CA VAL A 35 9.60 -28.50 9.98
C VAL A 35 10.39 -28.15 8.75
N LEU A 36 11.28 -29.03 8.33
CA LEU A 36 11.94 -28.90 7.06
C LEU A 36 10.89 -28.72 5.94
N ARG A 37 10.02 -29.71 5.77
CA ARG A 37 9.02 -29.68 4.70
C ARG A 37 8.25 -28.37 4.62
N ALA A 38 7.94 -27.79 5.78
CA ALA A 38 7.22 -26.51 5.83
C ALA A 38 8.08 -25.33 5.40
N MET A 39 9.34 -25.32 5.85
CA MET A 39 10.28 -24.28 5.47
C MET A 39 10.48 -24.24 3.94
N GLU A 40 10.53 -25.41 3.31
CA GLU A 40 10.57 -25.53 1.85
C GLU A 40 9.46 -24.77 1.15
N VAL A 41 8.23 -24.93 1.65
CA VAL A 41 7.06 -24.28 1.10
C VAL A 41 7.17 -22.75 1.25
N VAL A 42 7.48 -22.30 2.45
CA VAL A 42 7.70 -20.87 2.67
C VAL A 42 8.65 -20.33 1.60
N ALA A 43 9.87 -20.85 1.58
CA ALA A 43 10.88 -20.36 0.64
C ALA A 43 10.36 -20.33 -0.79
N SER A 44 9.79 -21.45 -1.23
CA SER A 44 9.16 -21.53 -2.55
C SER A 44 8.16 -20.41 -2.78
N GLU A 45 7.19 -20.30 -1.88
CA GLU A 45 6.09 -19.37 -2.09
C GLU A 45 6.62 -17.94 -2.05
N ARG A 46 7.51 -17.66 -1.10
CA ARG A 46 8.12 -16.34 -0.98
C ARG A 46 8.78 -15.90 -2.28
N ARG A 47 9.38 -16.83 -3.01
CA ARG A 47 9.94 -16.50 -4.31
C ARG A 47 8.84 -16.20 -5.32
N GLU A 48 7.71 -16.89 -5.20
CA GLU A 48 6.58 -16.66 -6.10
C GLU A 48 5.98 -15.26 -5.84
N ALA A 49 5.95 -14.87 -4.56
CA ALA A 49 5.50 -13.55 -4.17
C ALA A 49 6.35 -12.49 -4.81
N ALA A 50 7.67 -12.69 -4.77
CA ALA A 50 8.62 -11.76 -5.36
C ALA A 50 8.25 -11.44 -6.79
N LYS A 51 8.10 -12.49 -7.58
CA LYS A 51 7.78 -12.34 -8.99
C LYS A 51 6.45 -11.63 -9.17
N GLN A 52 5.44 -12.10 -8.45
CA GLN A 52 4.09 -11.56 -8.59
C GLN A 52 4.01 -10.09 -8.19
N LEU A 53 4.80 -9.71 -7.20
CA LEU A 53 4.89 -8.31 -6.78
C LEU A 53 5.51 -7.45 -7.88
N SER A 54 6.69 -7.86 -8.33
CA SER A 54 7.37 -7.15 -9.40
C SER A 54 6.48 -7.02 -10.63
N LEU A 55 5.83 -8.10 -11.03
CA LEU A 55 4.95 -8.09 -12.23
C LEU A 55 3.75 -7.20 -12.04
N TRP A 56 3.17 -7.21 -10.83
CA TRP A 56 2.11 -6.25 -10.50
C TRP A 56 2.57 -4.79 -10.58
N GLY A 57 3.61 -4.46 -9.83
CA GLY A 57 4.24 -3.16 -9.92
C GLY A 57 4.70 -2.81 -11.32
N ALA A 58 5.04 -3.82 -12.10
CA ALA A 58 5.45 -3.61 -13.47
C ALA A 58 4.59 -2.57 -14.18
N ASP A 59 3.27 -2.69 -14.09
CA ASP A 59 2.41 -1.82 -14.90
C ASP A 59 1.67 -0.79 -14.05
N ASN A 60 2.44 0.04 -13.37
CA ASN A 60 1.90 1.09 -12.53
C ASN A 60 2.60 2.39 -12.83
N ASP A 61 2.64 3.31 -11.87
CA ASP A 61 3.45 4.50 -12.00
C ASP A 61 4.94 4.13 -12.03
N ASP A 62 5.75 5.03 -12.58
CA ASP A 62 7.18 4.79 -12.79
C ASP A 62 7.89 4.50 -11.46
N ASP A 63 7.50 5.22 -10.41
CA ASP A 63 8.16 5.08 -9.10
C ASP A 63 7.81 3.77 -8.41
N VAL A 64 6.53 3.40 -8.50
CA VAL A 64 6.06 2.14 -7.95
C VAL A 64 6.68 0.98 -8.71
N SER A 65 6.71 1.05 -10.04
CA SER A 65 7.34 0.01 -10.85
C SER A 65 8.81 -0.24 -10.52
N ASP A 66 9.52 0.77 -10.04
CA ASP A 66 10.92 0.62 -9.69
C ASP A 66 11.06 0.01 -8.31
N VAL A 67 10.51 0.68 -7.29
CA VAL A 67 10.61 0.22 -5.90
C VAL A 67 10.20 -1.25 -5.82
N THR A 68 9.16 -1.59 -6.55
CA THR A 68 8.66 -2.96 -6.58
C THR A 68 9.61 -3.91 -7.29
N ASP A 69 10.24 -3.46 -8.38
CA ASP A 69 11.22 -4.29 -9.06
C ASP A 69 12.31 -4.70 -8.06
N LYS A 70 12.97 -3.72 -7.44
CA LYS A 70 14.04 -4.05 -6.51
C LYS A 70 13.50 -4.85 -5.32
N LEU A 71 12.32 -4.48 -4.80
CA LEU A 71 11.73 -5.27 -3.71
C LEU A 71 11.55 -6.73 -4.08
N GLY A 72 11.35 -6.97 -5.37
CA GLY A 72 11.28 -8.31 -5.90
C GLY A 72 12.63 -9.02 -5.89
N VAL A 73 13.71 -8.28 -6.11
CA VAL A 73 15.02 -8.90 -5.99
C VAL A 73 15.25 -9.28 -4.54
N LEU A 74 15.14 -8.31 -3.64
CA LEU A 74 15.47 -8.52 -2.23
C LEU A 74 14.67 -9.67 -1.62
N ILE A 75 13.37 -9.69 -1.88
CA ILE A 75 12.51 -10.77 -1.40
C ILE A 75 12.84 -12.12 -2.06
N TYR A 76 13.32 -12.11 -3.29
CA TYR A 76 13.74 -13.36 -3.93
C TYR A 76 14.90 -14.00 -3.19
N GLU A 77 15.79 -13.18 -2.63
CA GLU A 77 16.95 -13.68 -1.91
C GLU A 77 16.55 -14.36 -0.59
N LEU A 78 15.60 -13.78 0.14
CA LEU A 78 15.04 -14.46 1.29
C LEU A 78 14.74 -15.91 0.92
N GLY A 79 14.21 -16.09 -0.30
CA GLY A 79 13.92 -17.41 -0.84
C GLY A 79 15.17 -18.25 -0.89
N GLU A 80 16.12 -17.83 -1.73
CA GLU A 80 17.39 -18.53 -1.86
C GLU A 80 18.02 -18.75 -0.49
N LEU A 81 18.08 -17.72 0.32
CA LEU A 81 18.66 -17.83 1.66
C LEU A 81 18.01 -18.92 2.50
N GLN A 82 16.68 -18.96 2.52
CA GLN A 82 15.98 -20.03 3.23
C GLN A 82 16.50 -21.36 2.74
N ASP A 83 16.47 -21.58 1.44
CA ASP A 83 16.81 -22.89 0.93
C ASP A 83 18.23 -23.30 1.27
N GLN A 84 19.14 -22.35 1.28
CA GLN A 84 20.50 -22.63 1.74
C GLN A 84 20.42 -23.14 3.17
N PHE A 85 19.62 -22.49 4.02
CA PHE A 85 19.51 -22.94 5.40
C PHE A 85 18.81 -24.29 5.52
N ILE A 86 17.90 -24.62 4.61
CA ILE A 86 17.35 -25.97 4.55
C ILE A 86 18.43 -27.05 4.35
N ASP A 87 19.17 -26.99 3.25
CA ASP A 87 20.31 -27.89 3.04
C ASP A 87 21.05 -28.22 4.36
N LYS A 88 21.33 -27.19 5.15
CA LYS A 88 22.10 -27.36 6.40
C LYS A 88 21.24 -27.94 7.54
N TYR A 89 19.97 -27.56 7.58
CA TYR A 89 19.04 -28.15 8.53
C TYR A 89 19.02 -29.65 8.28
N ASP A 90 18.93 -30.05 7.03
CA ASP A 90 18.95 -31.47 6.69
C ASP A 90 20.12 -32.19 7.39
N GLN A 91 21.32 -31.63 7.27
CA GLN A 91 22.52 -32.22 7.88
C GLN A 91 22.34 -32.36 9.39
N TYR A 92 21.71 -31.36 9.99
CA TYR A 92 21.34 -31.41 11.40
C TYR A 92 20.48 -32.64 11.60
N ARG A 93 19.40 -32.72 10.85
CA ARG A 93 18.40 -33.79 11.04
C ARG A 93 18.99 -35.21 10.93
N VAL A 94 19.81 -35.46 9.92
CA VAL A 94 20.39 -36.80 9.74
C VAL A 94 21.33 -37.13 10.89
N THR A 95 22.13 -36.15 11.31
CA THR A 95 22.98 -36.34 12.48
C THR A 95 22.14 -36.85 13.64
N LEU A 96 20.99 -36.22 13.91
CA LEU A 96 20.12 -36.74 14.96
C LEU A 96 19.71 -38.16 14.58
N LYS A 97 19.26 -38.34 13.35
CA LYS A 97 18.85 -39.65 12.88
C LYS A 97 19.92 -40.67 13.26
N SER A 98 21.18 -40.30 13.08
CA SER A 98 22.29 -41.22 13.35
C SER A 98 22.38 -41.56 14.83
N ILE A 99 22.10 -40.58 15.71
CA ILE A 99 22.09 -40.86 17.16
C ILE A 99 21.00 -41.87 17.50
N ARG A 100 19.83 -41.67 16.92
CA ARG A 100 18.72 -42.58 17.13
C ARG A 100 19.09 -44.00 16.73
N ASN A 101 19.73 -44.14 15.57
CA ASN A 101 20.15 -45.48 15.12
C ASN A 101 21.05 -46.19 16.12
N ILE A 102 21.86 -45.42 16.82
CA ILE A 102 22.78 -45.98 17.81
C ILE A 102 22.05 -46.35 19.08
N GLU A 103 21.14 -45.50 19.53
CA GLU A 103 20.28 -45.86 20.65
C GLU A 103 19.50 -47.13 20.31
N ALA A 104 19.26 -47.38 19.04
CA ALA A 104 18.62 -48.64 18.61
C ALA A 104 19.55 -49.84 18.77
N SER A 105 20.82 -49.69 18.38
CA SER A 105 21.79 -50.79 18.38
C SER A 105 22.09 -51.31 19.79
N VAL A 106 21.79 -50.51 20.80
CA VAL A 106 22.14 -50.86 22.17
C VAL A 106 21.09 -51.72 22.84
N GLN A 107 19.84 -51.66 22.37
CA GLN A 107 18.72 -52.39 22.98
C GLN A 107 18.97 -53.88 23.19
N PRO A 108 19.45 -54.59 22.14
CA PRO A 108 19.71 -56.02 22.31
C PRO A 108 20.48 -56.35 23.58
N SER A 109 21.57 -55.64 23.83
CA SER A 109 22.43 -55.92 24.97
C SER A 109 21.71 -55.68 26.29
N ARG A 110 20.61 -54.93 26.24
CA ARG A 110 19.76 -54.72 27.39
C ARG A 110 18.77 -55.86 27.53
N ASP A 111 18.07 -56.19 26.46
CA ASP A 111 17.14 -57.31 26.48
C ASP A 111 17.83 -58.60 26.96
N ARG A 112 19.07 -58.78 26.53
CA ARG A 112 19.81 -59.98 26.86
C ARG A 112 20.10 -60.04 28.35
N LYS A 113 20.63 -58.96 28.88
CA LYS A 113 20.85 -58.86 30.32
C LYS A 113 19.56 -59.22 31.05
N GLU A 114 18.45 -58.63 30.63
CA GLU A 114 17.17 -58.88 31.29
C GLU A 114 16.70 -60.34 31.18
N LYS A 115 16.94 -60.97 30.03
CA LYS A 115 16.54 -62.36 29.83
C LYS A 115 17.31 -63.34 30.73
N ILE A 116 18.63 -63.21 30.71
CA ILE A 116 19.51 -63.99 31.59
C ILE A 116 19.14 -63.79 33.05
N THR A 117 18.69 -62.60 33.42
CA THR A 117 18.26 -62.35 34.78
C THR A 117 16.98 -63.12 35.09
N ASP A 118 16.01 -63.05 34.18
CA ASP A 118 14.73 -63.71 34.38
C ASP A 118 14.87 -65.23 34.30
N GLU A 119 15.89 -65.70 33.58
CA GLU A 119 16.16 -67.15 33.50
C GLU A 119 16.71 -67.69 34.81
N ILE A 120 17.63 -66.97 35.44
CA ILE A 120 18.12 -67.34 36.77
C ILE A 120 16.98 -67.30 37.78
N ALA A 121 16.20 -66.21 37.78
CA ALA A 121 15.04 -66.04 38.66
C ALA A 121 14.06 -67.19 38.54
N HIS A 122 13.88 -67.68 37.31
CA HIS A 122 13.02 -68.85 37.07
C HIS A 122 13.65 -70.14 37.61
N LEU A 123 14.94 -70.29 37.37
CA LEU A 123 15.64 -71.51 37.69
C LEU A 123 15.94 -71.60 39.20
N LYS A 124 16.43 -70.52 39.81
CA LYS A 124 16.66 -70.49 41.28
C LYS A 124 15.39 -70.76 42.08
N TYR A 125 14.27 -70.19 41.62
CA TYR A 125 12.99 -70.40 42.30
C TYR A 125 12.42 -71.81 42.07
N LYS A 126 12.27 -72.21 40.81
CA LYS A 126 11.61 -73.49 40.50
C LYS A 126 12.53 -74.67 40.18
N ASP A 127 13.79 -74.61 40.61
CA ASP A 127 14.76 -75.68 40.34
C ASP A 127 16.13 -75.33 40.91
N PRO A 128 16.24 -75.12 42.24
CA PRO A 128 17.55 -74.63 42.72
C PRO A 128 18.70 -75.64 42.60
N GLN A 129 18.39 -76.90 42.33
CA GLN A 129 19.39 -77.96 42.26
C GLN A 129 20.19 -77.97 40.97
N SER A 130 19.72 -77.23 39.97
CA SER A 130 20.32 -77.26 38.66
C SER A 130 21.78 -76.80 38.64
N THR A 131 22.56 -77.45 37.79
CA THR A 131 23.98 -77.19 37.64
C THR A 131 24.26 -76.00 36.70
N LYS A 132 23.25 -75.52 35.99
CA LYS A 132 23.41 -74.39 35.06
C LYS A 132 23.10 -73.01 35.70
N ILE A 133 22.90 -72.97 37.01
CA ILE A 133 22.83 -71.69 37.72
C ILE A 133 24.20 -71.05 37.91
N PRO A 134 25.21 -71.82 38.38
CA PRO A 134 26.53 -71.19 38.47
C PRO A 134 26.98 -70.58 37.13
N VAL A 135 26.66 -71.27 36.04
CA VAL A 135 27.04 -70.84 34.70
C VAL A 135 26.25 -69.60 34.28
N LEU A 136 24.94 -69.63 34.46
CA LEU A 136 24.11 -68.44 34.21
C LEU A 136 24.51 -67.27 35.08
N GLU A 137 24.83 -67.52 36.33
CA GLU A 137 25.32 -66.45 37.20
C GLU A 137 26.58 -65.83 36.61
N GLN A 138 27.47 -66.67 36.12
CA GLN A 138 28.67 -66.21 35.46
C GLN A 138 28.31 -65.45 34.16
N GLU A 139 27.37 -65.98 33.36
CA GLU A 139 26.92 -65.31 32.14
C GLU A 139 26.34 -63.90 32.41
N LEU A 140 25.68 -63.74 33.54
CA LEU A 140 25.07 -62.47 33.87
C LEU A 140 26.10 -61.37 34.19
N VAL A 141 27.20 -61.72 34.87
CA VAL A 141 28.22 -60.73 35.19
C VAL A 141 28.84 -60.20 33.92
N ARG A 142 29.18 -61.09 32.98
CA ARG A 142 29.64 -60.68 31.65
C ARG A 142 28.61 -59.80 30.96
N ALA A 143 27.34 -60.22 30.96
CA ALA A 143 26.24 -59.45 30.32
C ALA A 143 26.07 -58.03 30.88
N GLU A 144 26.09 -57.92 32.20
CA GLU A 144 26.01 -56.62 32.87
C GLU A 144 27.20 -55.75 32.52
N ALA A 145 28.38 -56.36 32.48
CA ALA A 145 29.59 -55.66 32.10
C ALA A 145 29.46 -55.14 30.67
N GLU A 146 28.98 -56.00 29.77
CA GLU A 146 28.80 -55.63 28.37
C GLU A 146 27.86 -54.44 28.28
N SER A 147 26.79 -54.47 29.06
CA SER A 147 25.79 -53.42 29.03
C SER A 147 26.36 -52.05 29.51
N LEU A 148 27.10 -52.03 30.61
CA LEU A 148 27.78 -50.80 31.05
C LEU A 148 28.65 -50.20 29.96
N VAL A 149 29.59 -50.97 29.44
CA VAL A 149 30.43 -50.50 28.37
C VAL A 149 29.57 -49.97 27.22
N ALA A 150 28.59 -50.76 26.81
CA ALA A 150 27.67 -50.34 25.76
C ALA A 150 27.07 -48.97 26.02
N GLU A 151 26.59 -48.73 27.24
CA GLU A 151 25.90 -47.48 27.57
C GLU A 151 26.90 -46.32 27.71
N ALA A 152 28.09 -46.61 28.24
CA ALA A 152 29.13 -45.58 28.29
C ALA A 152 29.43 -45.08 26.87
N GLN A 153 29.62 -46.03 25.95
CA GLN A 153 29.85 -45.72 24.55
C GLN A 153 28.72 -44.87 23.99
N LEU A 154 27.50 -45.32 24.15
CA LEU A 154 26.37 -44.57 23.67
C LEU A 154 26.47 -43.11 24.11
N SER A 155 26.69 -42.88 25.40
CA SER A 155 26.79 -41.51 25.95
C SER A 155 27.83 -40.64 25.27
N ASN A 156 29.03 -41.17 25.08
CA ASN A 156 30.10 -40.42 24.43
C ASN A 156 29.81 -40.12 22.98
N ILE A 157 28.93 -40.90 22.38
CA ILE A 157 28.51 -40.67 21.02
C ILE A 157 27.38 -39.65 21.04
N THR A 158 26.43 -39.82 21.95
CA THR A 158 25.31 -38.90 22.00
C THR A 158 25.85 -37.50 22.21
N ARG A 159 26.57 -37.31 23.31
CA ARG A 159 27.11 -36.01 23.62
C ARG A 159 27.80 -35.34 22.43
N GLU A 160 28.65 -36.08 21.73
CA GLU A 160 29.43 -35.52 20.59
C GLU A 160 28.55 -35.17 19.40
N LYS A 161 27.73 -36.12 18.98
CA LYS A 161 26.81 -35.92 17.88
C LYS A 161 25.80 -34.81 18.21
N LEU A 162 25.30 -34.82 19.43
CA LEU A 162 24.42 -33.73 19.88
C LEU A 162 25.12 -32.39 19.77
N LYS A 163 26.28 -32.28 20.42
CA LYS A 163 27.02 -31.04 20.40
C LYS A 163 27.26 -30.60 18.96
N ALA A 164 27.80 -31.47 18.13
CA ALA A 164 28.02 -31.10 16.72
C ALA A 164 26.72 -30.74 16.00
N ALA A 165 25.63 -31.43 16.33
CA ALA A 165 24.35 -31.18 15.69
C ALA A 165 23.88 -29.73 15.86
N TYR A 166 23.40 -29.39 17.04
CA TYR A 166 22.86 -28.07 17.27
C TYR A 166 23.92 -27.00 17.09
N SER A 167 25.17 -27.32 17.35
CA SER A 167 26.24 -26.34 17.19
C SER A 167 26.29 -25.84 15.76
N TYR A 168 26.23 -26.78 14.82
CA TYR A 168 26.22 -26.47 13.41
C TYR A 168 24.94 -25.75 12.98
N MET A 169 23.79 -26.30 13.36
CA MET A 169 22.49 -25.70 13.08
C MET A 169 22.38 -24.24 13.58
N PHE A 170 22.79 -23.97 14.82
CA PHE A 170 22.68 -22.61 15.35
C PHE A 170 23.55 -21.62 14.59
N ASP A 171 24.75 -22.04 14.22
CA ASP A 171 25.60 -21.17 13.39
C ASP A 171 24.98 -20.89 12.04
N SER A 172 24.30 -21.89 11.48
CA SER A 172 23.61 -21.70 10.20
C SER A 172 22.38 -20.81 10.35
N LEU A 173 21.64 -21.02 11.43
CA LEU A 173 20.47 -20.21 11.71
C LEU A 173 20.89 -18.79 12.00
N ARG A 174 21.96 -18.59 12.75
CA ARG A 174 22.41 -17.23 12.99
C ARG A 174 22.83 -16.59 11.69
N GLU A 175 23.37 -17.36 10.75
CA GLU A 175 23.70 -16.80 9.44
C GLU A 175 22.41 -16.34 8.78
N LEU A 176 21.54 -17.29 8.45
CA LEU A 176 20.24 -16.96 7.86
C LEU A 176 19.76 -15.65 8.45
N SER A 177 19.53 -15.65 9.75
CA SER A 177 18.86 -14.54 10.39
C SER A 177 19.62 -13.24 10.34
N GLU A 178 20.93 -13.26 10.52
CA GLU A 178 21.69 -12.01 10.39
C GLU A 178 21.67 -11.44 8.97
N LYS A 179 21.57 -12.33 7.98
CA LYS A 179 21.40 -11.90 6.59
C LYS A 179 19.97 -11.41 6.28
N PHE A 180 18.97 -12.00 6.91
CA PHE A 180 17.62 -11.45 6.80
C PHE A 180 17.65 -10.02 7.31
N ALA A 181 18.20 -9.83 8.50
CA ALA A 181 18.30 -8.51 9.12
C ALA A 181 18.80 -7.46 8.13
N LEU A 182 19.81 -7.83 7.37
CA LEU A 182 20.40 -6.90 6.41
C LEU A 182 19.41 -6.53 5.34
N ILE A 183 18.78 -7.55 4.75
CA ILE A 183 17.82 -7.30 3.67
C ILE A 183 16.61 -6.48 4.11
N ALA A 184 16.08 -6.77 5.29
CA ALA A 184 15.02 -5.94 5.86
C ALA A 184 15.46 -4.49 5.87
N GLY A 185 16.60 -4.22 6.50
CA GLY A 185 17.12 -2.85 6.62
C GLY A 185 17.29 -2.17 5.28
N TYR A 186 17.82 -2.89 4.30
CA TYR A 186 17.99 -2.34 2.96
C TYR A 186 16.65 -2.27 2.25
N GLY A 187 15.82 -3.30 2.44
CA GLY A 187 14.48 -3.28 1.91
C GLY A 187 13.72 -2.03 2.32
N LYS A 188 13.91 -1.59 3.56
CA LYS A 188 13.20 -0.41 4.05
C LYS A 188 13.83 0.86 3.52
N ALA A 189 15.10 0.78 3.17
CA ALA A 189 15.79 1.91 2.56
C ALA A 189 15.25 2.20 1.16
N LEU A 190 14.71 1.18 0.49
CA LEU A 190 14.04 1.37 -0.81
C LEU A 190 12.72 2.12 -0.67
N LEU A 191 11.94 1.76 0.35
CA LEU A 191 10.66 2.40 0.56
C LEU A 191 10.78 3.91 0.78
N GLU A 192 11.96 4.38 1.21
CA GLU A 192 12.19 5.83 1.30
C GLU A 192 12.07 6.52 -0.08
N LEU A 193 12.47 5.82 -1.15
CA LEU A 193 12.33 6.33 -2.52
C LEU A 193 10.88 6.63 -2.89
N LEU A 194 9.96 5.79 -2.45
CA LEU A 194 8.56 5.88 -2.83
C LEU A 194 7.85 7.03 -2.09
N ASP A 195 7.38 8.01 -2.86
CA ASP A 195 6.69 9.18 -2.30
C ASP A 195 5.20 8.91 -2.15
N ASP A 196 4.68 9.08 -0.95
CA ASP A 196 3.24 8.86 -0.68
C ASP A 196 2.43 10.14 -0.50
N SER A 197 3.00 11.28 -0.90
CA SER A 197 2.32 12.57 -0.85
C SER A 197 1.12 12.60 -1.79
N PRO A 198 -0.09 12.76 -1.22
CA PRO A 198 -1.32 12.82 -1.99
C PRO A 198 -1.30 13.70 -3.24
N VAL A 199 -2.30 13.46 -4.08
CA VAL A 199 -2.44 14.14 -5.35
C VAL A 199 -3.82 14.78 -5.40
N THR A 200 -3.87 15.96 -6.03
CA THR A 200 -5.12 16.62 -6.35
C THR A 200 -5.69 15.93 -7.59
N PRO A 201 -6.97 15.54 -7.53
CA PRO A 201 -7.68 15.05 -8.70
C PRO A 201 -7.53 16.00 -9.88
N GLY A 202 -6.89 15.53 -10.95
CA GLY A 202 -6.61 16.36 -12.12
C GLY A 202 -5.13 16.39 -12.48
N GLU A 203 -4.31 16.99 -11.63
CA GLU A 203 -2.93 17.21 -11.98
C GLU A 203 -2.10 15.93 -11.84
N ALA A 204 -0.93 15.92 -12.49
CA ALA A 204 -0.11 14.73 -12.67
C ALA A 204 0.90 14.54 -11.55
N ARG A 205 1.47 13.34 -11.50
CA ARG A 205 2.55 13.01 -10.55
C ARG A 205 3.87 13.60 -11.05
N PRO A 206 4.76 14.02 -10.13
CA PRO A 206 6.04 14.61 -10.53
C PRO A 206 7.03 13.67 -11.21
N ALA A 207 8.17 14.23 -11.59
CA ALA A 207 9.28 13.45 -12.09
C ALA A 207 9.80 12.54 -11.00
N TYR A 208 10.07 11.30 -11.37
CA TYR A 208 10.71 10.32 -10.50
C TYR A 208 12.11 10.01 -10.98
N ASP A 209 13.12 10.37 -10.18
CA ASP A 209 14.49 10.00 -10.49
C ASP A 209 15.18 9.28 -9.33
N GLY A 210 14.53 8.21 -8.84
CA GLY A 210 15.14 7.37 -7.82
C GLY A 210 15.76 6.11 -8.36
N TYR A 211 16.20 6.10 -9.63
CA TYR A 211 16.78 4.91 -10.23
C TYR A 211 18.23 4.74 -9.82
N GLU A 212 19.01 5.82 -9.90
CA GLU A 212 20.43 5.80 -9.48
C GLU A 212 20.46 5.31 -8.03
N ALA A 213 19.61 5.92 -7.20
CA ALA A 213 19.52 5.55 -5.78
C ALA A 213 19.13 4.10 -5.57
N SER A 214 18.07 3.66 -6.28
CA SER A 214 17.55 2.32 -6.08
C SER A 214 18.58 1.26 -6.47
N ARG A 215 19.19 1.42 -7.63
CA ARG A 215 20.24 0.51 -8.07
C ARG A 215 21.37 0.47 -7.04
N GLN A 216 21.64 1.62 -6.42
CA GLN A 216 22.67 1.72 -5.40
C GLN A 216 22.34 0.85 -4.19
N ILE A 217 21.07 0.78 -3.80
CA ILE A 217 20.65 -0.02 -2.65
C ILE A 217 20.86 -1.52 -2.86
N ILE A 218 20.58 -2.03 -4.05
CA ILE A 218 20.92 -3.41 -4.38
C ILE A 218 22.42 -3.66 -4.18
N MET A 219 23.23 -2.90 -4.91
CA MET A 219 24.69 -2.98 -4.83
C MET A 219 25.20 -2.95 -3.39
N ASP A 220 24.55 -2.15 -2.55
CA ASP A 220 24.91 -2.06 -1.13
C ASP A 220 24.56 -3.34 -0.41
N ALA A 221 23.38 -3.88 -0.74
CA ALA A 221 22.88 -5.14 -0.17
C ALA A 221 23.73 -6.35 -0.57
N GLU A 222 24.10 -6.42 -1.84
CA GLU A 222 24.98 -7.47 -2.35
C GLU A 222 26.34 -7.36 -1.67
N SER A 223 26.77 -6.13 -1.40
CA SER A 223 28.04 -5.88 -0.75
C SER A 223 28.00 -6.38 0.69
N ALA A 224 26.93 -6.06 1.41
CA ALA A 224 26.77 -6.47 2.80
C ALA A 224 26.65 -7.99 2.98
N LEU A 225 26.05 -8.66 2.00
CA LEU A 225 25.87 -10.12 2.05
C LEU A 225 27.11 -10.91 1.61
N GLU A 226 27.98 -10.29 0.84
CA GLU A 226 29.26 -10.93 0.50
C GLU A 226 30.20 -10.93 1.69
N SER A 227 30.24 -9.81 2.40
CA SER A 227 31.25 -9.55 3.41
C SER A 227 30.86 -10.03 4.81
N TRP A 228 29.61 -10.38 5.00
CA TRP A 228 29.13 -10.85 6.29
C TRP A 228 29.97 -12.03 6.75
N THR A 229 30.37 -12.04 8.03
CA THR A 229 31.06 -13.19 8.60
C THR A 229 30.58 -13.47 10.02
N LEU A 230 30.65 -14.74 10.40
CA LEU A 230 30.38 -15.14 11.78
C LEU A 230 31.29 -14.37 12.75
N ASP A 231 30.67 -13.55 13.61
CA ASP A 231 31.39 -12.76 14.65
C ASP A 231 32.26 -11.62 14.08
N GLY B 18 -12.42 -10.17 -8.16
CA GLY B 18 -12.57 -8.85 -8.87
C GLY B 18 -12.25 -8.86 -10.37
N PRO B 19 -12.34 -7.68 -11.02
CA PRO B 19 -12.06 -7.38 -12.43
C PRO B 19 -10.57 -7.29 -12.81
N GLU B 20 -10.28 -6.86 -14.04
CA GLU B 20 -8.92 -6.87 -14.62
C GLU B 20 -7.84 -6.10 -13.85
N LEU B 21 -8.13 -4.85 -13.50
CA LEU B 21 -7.17 -4.00 -12.81
C LEU B 21 -6.66 -4.65 -11.51
N ALA B 22 -7.51 -5.45 -10.87
CA ALA B 22 -7.18 -6.07 -9.59
C ALA B 22 -6.53 -7.48 -9.69
N ARG B 23 -6.55 -8.10 -10.87
CA ARG B 23 -6.13 -9.50 -11.02
C ARG B 23 -4.77 -9.81 -10.43
N LYS B 24 -3.76 -9.06 -10.85
CA LYS B 24 -2.38 -9.37 -10.50
C LYS B 24 -2.11 -9.22 -9.02
N LEU B 25 -2.87 -8.31 -8.37
CA LEU B 25 -2.75 -8.09 -6.94
C LEU B 25 -3.53 -9.12 -6.15
N SER B 26 -4.60 -9.65 -6.73
CA SER B 26 -5.27 -10.79 -6.10
C SER B 26 -4.35 -11.99 -6.02
N GLN B 27 -3.69 -12.30 -7.13
CA GLN B 27 -2.72 -13.40 -7.19
C GLN B 27 -1.76 -13.26 -6.03
N LEU B 28 -1.24 -12.05 -5.86
CA LEU B 28 -0.27 -11.78 -4.82
C LEU B 28 -0.87 -12.05 -3.46
N VAL B 29 -2.03 -11.50 -3.20
CA VAL B 29 -2.66 -11.71 -1.91
C VAL B 29 -2.81 -13.21 -1.60
N LYS B 30 -3.18 -13.99 -2.61
CA LYS B 30 -3.37 -15.43 -2.47
C LYS B 30 -2.09 -16.15 -2.09
N THR B 31 -0.97 -15.66 -2.57
CA THR B 31 0.28 -16.30 -2.32
C THR B 31 0.73 -16.02 -0.89
N GLU B 32 0.51 -14.79 -0.42
CA GLU B 32 0.93 -14.44 0.93
C GLU B 32 0.11 -15.13 1.99
N LYS B 33 -1.13 -15.47 1.67
CA LYS B 33 -1.90 -16.35 2.55
C LYS B 33 -1.22 -17.73 2.61
N GLY B 34 -0.83 -18.25 1.46
CA GLY B 34 -0.02 -19.46 1.43
C GLY B 34 1.23 -19.38 2.30
N VAL B 35 1.93 -18.25 2.25
CA VAL B 35 3.16 -18.07 3.03
C VAL B 35 2.87 -17.96 4.52
N LEU B 36 1.86 -17.18 4.89
CA LEU B 36 1.43 -17.10 6.27
C LEU B 36 1.17 -18.52 6.80
N ARG B 37 0.33 -19.26 6.08
CA ARG B 37 -0.03 -20.60 6.50
C ARG B 37 1.17 -21.54 6.60
N ALA B 38 2.15 -21.40 5.71
CA ALA B 38 3.37 -22.21 5.82
C ALA B 38 4.14 -21.86 7.10
N MET B 39 4.21 -20.58 7.40
CA MET B 39 4.91 -20.14 8.58
C MET B 39 4.23 -20.68 9.83
N GLU B 40 2.91 -20.56 9.91
CA GLU B 40 2.16 -21.07 11.07
C GLU B 40 2.57 -22.51 11.40
N VAL B 41 2.75 -23.34 10.36
CA VAL B 41 3.20 -24.70 10.57
C VAL B 41 4.62 -24.74 11.11
N VAL B 42 5.51 -23.96 10.53
CA VAL B 42 6.88 -23.98 11.00
C VAL B 42 6.98 -23.60 12.48
N ALA B 43 6.33 -22.53 12.90
CA ALA B 43 6.32 -22.19 14.33
C ALA B 43 5.78 -23.36 15.15
N SER B 44 4.57 -23.79 14.81
CA SER B 44 3.94 -24.91 15.48
C SER B 44 4.89 -26.05 15.76
N GLU B 45 5.53 -26.55 14.71
CA GLU B 45 6.37 -27.72 14.80
C GLU B 45 7.63 -27.43 15.60
N ARG B 46 8.25 -26.28 15.35
CA ARG B 46 9.43 -25.93 16.13
C ARG B 46 9.11 -26.16 17.60
N ARG B 47 7.92 -25.73 18.02
CA ARG B 47 7.51 -25.91 19.39
C ARG B 47 7.40 -27.35 19.81
N GLU B 48 6.93 -28.20 18.91
CA GLU B 48 6.89 -29.61 19.21
C GLU B 48 8.33 -30.11 19.31
N ALA B 49 9.16 -29.70 18.36
CA ALA B 49 10.56 -30.09 18.38
C ALA B 49 11.24 -29.75 19.71
N ALA B 50 10.99 -28.55 20.22
CA ALA B 50 11.59 -28.14 21.49
C ALA B 50 11.21 -29.12 22.58
N LYS B 51 9.90 -29.29 22.77
CA LYS B 51 9.43 -30.19 23.78
C LYS B 51 10.07 -31.55 23.61
N GLN B 52 9.89 -32.10 22.42
CA GLN B 52 10.38 -33.43 22.18
C GLN B 52 11.87 -33.52 22.52
N LEU B 53 12.63 -32.48 22.23
CA LEU B 53 14.07 -32.51 22.52
C LEU B 53 14.37 -32.50 24.00
N SER B 54 13.58 -31.75 24.76
CA SER B 54 13.71 -31.69 26.20
C SER B 54 13.34 -33.00 26.87
N LEU B 55 12.28 -33.65 26.41
CA LEU B 55 11.80 -34.89 27.01
C LEU B 55 12.71 -36.08 26.73
N TRP B 56 13.31 -36.12 25.55
CA TRP B 56 14.30 -37.15 25.23
C TRP B 56 15.55 -36.94 26.07
N GLY B 57 15.98 -35.70 26.18
CA GLY B 57 17.14 -35.35 26.99
C GLY B 57 17.00 -35.84 28.43
N ALA B 58 15.77 -35.89 28.94
CA ALA B 58 15.54 -36.28 30.33
C ALA B 58 16.13 -37.64 30.70
N ASP B 59 16.22 -38.56 29.74
CA ASP B 59 16.72 -39.91 30.00
C ASP B 59 18.21 -40.06 29.73
N ASN B 60 18.99 -39.03 29.99
CA ASN B 60 20.40 -39.05 29.60
C ASN B 60 21.31 -38.58 30.73
N ASP B 61 22.62 -38.62 30.49
CA ASP B 61 23.56 -38.05 31.46
C ASP B 61 23.10 -36.65 31.84
N ASP B 62 23.49 -36.21 33.03
CA ASP B 62 22.89 -35.01 33.65
C ASP B 62 23.21 -33.71 32.92
N ASP B 63 24.42 -33.63 32.37
CA ASP B 63 24.79 -32.50 31.52
C ASP B 63 23.87 -32.40 30.31
N VAL B 64 23.62 -33.53 29.66
CA VAL B 64 22.75 -33.57 28.51
C VAL B 64 21.32 -33.22 28.91
N SER B 65 20.87 -33.75 30.05
CA SER B 65 19.51 -33.47 30.53
C SER B 65 19.27 -31.97 30.77
N ASP B 66 20.31 -31.28 31.20
CA ASP B 66 20.22 -29.88 31.58
C ASP B 66 20.30 -28.99 30.37
N VAL B 67 21.32 -29.20 29.58
CA VAL B 67 21.51 -28.43 28.38
C VAL B 67 20.29 -28.60 27.48
N THR B 68 19.82 -29.84 27.32
CA THR B 68 18.68 -30.09 26.42
C THR B 68 17.40 -29.45 26.91
N ASP B 69 17.19 -29.38 28.21
CA ASP B 69 16.01 -28.65 28.70
C ASP B 69 16.08 -27.16 28.40
N LYS B 70 17.26 -26.57 28.53
CA LYS B 70 17.43 -25.15 28.16
C LYS B 70 17.29 -24.94 26.64
N LEU B 71 18.07 -25.67 25.85
CA LEU B 71 17.87 -25.61 24.40
C LEU B 71 16.37 -25.63 24.09
N GLY B 72 15.61 -26.44 24.82
CA GLY B 72 14.17 -26.46 24.66
C GLY B 72 13.53 -25.10 24.88
N VAL B 73 13.88 -24.44 25.99
CA VAL B 73 13.32 -23.13 26.29
C VAL B 73 13.65 -22.11 25.19
N LEU B 74 14.89 -22.13 24.71
CA LEU B 74 15.28 -21.21 23.65
C LEU B 74 14.48 -21.48 22.41
N ILE B 75 14.54 -22.72 21.93
CA ILE B 75 13.87 -23.10 20.70
C ILE B 75 12.37 -22.86 20.75
N TYR B 76 11.74 -23.13 21.89
CA TYR B 76 10.32 -22.81 22.04
C TYR B 76 10.05 -21.33 21.72
N GLU B 77 10.91 -20.45 22.23
CA GLU B 77 10.77 -19.02 22.00
C GLU B 77 10.93 -18.65 20.53
N LEU B 78 11.78 -19.38 19.79
CA LEU B 78 11.87 -19.16 18.35
C LEU B 78 10.47 -19.25 17.81
N GLY B 79 9.80 -20.35 18.13
CA GLY B 79 8.42 -20.56 17.76
C GLY B 79 7.46 -19.45 18.14
N GLU B 80 7.64 -18.87 19.32
CA GLU B 80 6.74 -17.80 19.75
C GLU B 80 7.02 -16.49 19.04
N LEU B 81 8.30 -16.17 18.87
CA LEU B 81 8.69 -15.00 18.10
C LEU B 81 8.08 -15.13 16.73
N GLN B 82 8.08 -16.33 16.18
CA GLN B 82 7.55 -16.56 14.85
C GLN B 82 6.06 -16.25 14.80
N ASP B 83 5.29 -16.80 15.74
CA ASP B 83 3.87 -16.46 15.80
C ASP B 83 3.67 -14.97 15.98
N GLN B 84 4.54 -14.33 16.76
CA GLN B 84 4.47 -12.88 16.95
C GLN B 84 4.63 -12.19 15.61
N PHE B 85 5.61 -12.62 14.83
CA PHE B 85 5.77 -12.11 13.47
C PHE B 85 4.62 -12.52 12.55
N ILE B 86 4.10 -13.72 12.70
CA ILE B 86 2.97 -14.15 11.89
C ILE B 86 1.75 -13.26 12.08
N ASP B 87 1.45 -12.84 13.31
CA ASP B 87 0.35 -11.91 13.52
C ASP B 87 0.61 -10.65 12.72
N LYS B 88 1.82 -10.11 12.84
CA LYS B 88 2.14 -8.84 12.16
C LYS B 88 2.06 -9.03 10.65
N TYR B 89 2.47 -10.19 10.16
CA TYR B 89 2.39 -10.50 8.74
C TYR B 89 0.97 -10.42 8.24
N ASP B 90 0.01 -10.76 9.08
CA ASP B 90 -1.36 -10.70 8.62
C ASP B 90 -1.75 -9.26 8.33
N GLN B 91 -1.54 -8.35 9.29
CA GLN B 91 -1.79 -6.92 9.07
C GLN B 91 -1.24 -6.48 7.70
N TYR B 92 -0.04 -7.00 7.37
CA TYR B 92 0.58 -6.77 6.07
C TYR B 92 -0.33 -7.20 4.95
N ARG B 93 -0.77 -8.44 5.03
CA ARG B 93 -1.59 -9.03 3.99
C ARG B 93 -2.92 -8.31 3.82
N VAL B 94 -3.59 -7.96 4.93
CA VAL B 94 -4.86 -7.26 4.82
C VAL B 94 -4.66 -5.86 4.26
N THR B 95 -3.52 -5.26 4.52
CA THR B 95 -3.21 -3.97 3.92
C THR B 95 -3.10 -4.07 2.40
N LEU B 96 -2.66 -5.22 1.89
CA LEU B 96 -2.67 -5.39 0.44
C LEU B 96 -4.07 -5.60 -0.05
N LYS B 97 -4.76 -6.60 0.49
CA LYS B 97 -6.18 -6.83 0.19
C LYS B 97 -6.92 -5.50 0.06
N SER B 98 -6.62 -4.57 0.96
CA SER B 98 -7.19 -3.23 0.93
C SER B 98 -6.90 -2.49 -0.37
N ILE B 99 -5.66 -2.55 -0.84
CA ILE B 99 -5.29 -1.91 -2.11
C ILE B 99 -6.04 -2.57 -3.24
N ARG B 100 -6.07 -3.89 -3.22
CA ARG B 100 -6.75 -4.63 -4.27
C ARG B 100 -8.20 -4.17 -4.42
N ASN B 101 -8.88 -3.93 -3.31
CA ASN B 101 -10.29 -3.55 -3.34
C ASN B 101 -10.51 -2.27 -4.13
N ILE B 102 -9.60 -1.33 -3.94
CA ILE B 102 -9.73 -0.05 -4.61
C ILE B 102 -9.46 -0.22 -6.10
N GLU B 103 -8.39 -0.92 -6.44
CA GLU B 103 -8.17 -1.29 -7.84
C GLU B 103 -9.43 -1.88 -8.46
N ALA B 104 -10.17 -2.66 -7.69
CA ALA B 104 -11.38 -3.29 -8.18
C ALA B 104 -12.50 -2.30 -8.41
N SER B 105 -12.75 -1.41 -7.44
CA SER B 105 -13.88 -0.47 -7.56
C SER B 105 -13.64 0.70 -8.52
N VAL B 106 -12.42 0.88 -9.01
CA VAL B 106 -12.14 1.93 -9.98
C VAL B 106 -12.44 1.48 -11.43
N GLN B 107 -12.18 0.22 -11.74
CA GLN B 107 -12.52 -0.33 -13.07
C GLN B 107 -13.82 0.18 -13.68
N PRO B 108 -14.97 -0.01 -13.00
CA PRO B 108 -16.23 0.45 -13.56
C PRO B 108 -16.12 1.88 -14.07
N SER B 109 -15.59 2.76 -13.24
CA SER B 109 -15.35 4.16 -13.63
C SER B 109 -14.62 4.30 -14.98
N ARG B 110 -13.59 3.49 -15.21
CA ARG B 110 -12.91 3.48 -16.51
C ARG B 110 -13.76 2.85 -17.60
N ASP B 111 -14.24 1.64 -17.33
CA ASP B 111 -15.11 0.95 -18.27
C ASP B 111 -16.26 1.86 -18.74
N ARG B 112 -16.78 2.66 -17.82
CA ARG B 112 -17.92 3.54 -18.10
C ARG B 112 -17.53 4.65 -19.06
N LYS B 113 -16.53 5.42 -18.68
CA LYS B 113 -16.01 6.51 -19.50
C LYS B 113 -15.68 6.00 -20.90
N GLU B 114 -15.09 4.81 -20.96
CA GLU B 114 -14.87 4.11 -22.22
C GLU B 114 -16.17 3.99 -23.00
N LYS B 115 -17.23 3.50 -22.36
CA LYS B 115 -18.50 3.30 -23.05
C LYS B 115 -19.05 4.59 -23.59
N ILE B 116 -19.22 5.58 -22.72
CA ILE B 116 -19.89 6.82 -23.09
C ILE B 116 -19.24 7.47 -24.32
N THR B 117 -17.92 7.52 -24.31
CA THR B 117 -17.18 8.10 -25.42
C THR B 117 -17.46 7.37 -26.74
N ASP B 118 -17.52 6.04 -26.71
CA ASP B 118 -17.87 5.28 -27.91
C ASP B 118 -19.30 5.54 -28.34
N GLU B 119 -20.20 5.74 -27.39
CA GLU B 119 -21.57 6.12 -27.70
C GLU B 119 -21.65 7.45 -28.45
N ILE B 120 -20.71 8.34 -28.16
CA ILE B 120 -20.58 9.58 -28.93
C ILE B 120 -19.90 9.30 -30.28
N ALA B 121 -18.87 8.45 -30.25
CA ALA B 121 -18.18 8.01 -31.47
C ALA B 121 -19.13 7.37 -32.50
N HIS B 122 -20.08 6.58 -32.03
CA HIS B 122 -21.11 6.02 -32.91
C HIS B 122 -22.18 7.04 -33.28
N LEU B 123 -22.59 7.89 -32.32
CA LEU B 123 -23.65 8.87 -32.60
C LEU B 123 -23.17 9.91 -33.58
N LYS B 124 -21.99 10.46 -33.36
CA LYS B 124 -21.28 11.23 -34.39
C LYS B 124 -20.87 10.28 -35.51
N TYR B 125 -20.72 10.79 -36.72
CA TYR B 125 -20.31 9.97 -37.89
C TYR B 125 -21.50 9.26 -38.54
N LYS B 126 -22.16 8.37 -37.78
CA LYS B 126 -23.40 7.72 -38.22
C LYS B 126 -24.58 8.46 -37.61
N ASP B 127 -25.21 9.31 -38.41
CA ASP B 127 -26.33 10.14 -37.95
C ASP B 127 -25.91 11.03 -36.78
N PRO B 128 -24.99 11.98 -37.03
CA PRO B 128 -24.68 13.00 -36.00
C PRO B 128 -25.93 13.83 -35.71
N GLN B 129 -26.93 13.17 -35.13
CA GLN B 129 -28.26 13.73 -34.95
C GLN B 129 -28.26 14.73 -33.81
N SER B 130 -29.29 15.56 -33.79
CA SER B 130 -29.33 16.72 -32.90
C SER B 130 -30.00 16.53 -31.53
N THR B 131 -30.84 15.51 -31.36
CA THR B 131 -31.58 15.37 -30.11
C THR B 131 -30.71 14.79 -28.99
N LYS B 132 -29.96 13.74 -29.28
CA LYS B 132 -29.22 13.02 -28.24
C LYS B 132 -27.99 13.76 -27.75
N ILE B 133 -27.08 14.07 -28.67
CA ILE B 133 -25.74 14.58 -28.33
C ILE B 133 -25.66 15.34 -26.99
N PRO B 134 -26.36 16.48 -26.84
CA PRO B 134 -26.24 17.28 -25.61
C PRO B 134 -26.45 16.52 -24.29
N VAL B 135 -27.20 15.43 -24.34
CA VAL B 135 -27.44 14.59 -23.15
C VAL B 135 -26.24 13.70 -22.92
N LEU B 136 -25.76 13.07 -23.99
CA LEU B 136 -24.54 12.28 -23.93
C LEU B 136 -23.33 13.14 -23.62
N GLU B 137 -23.19 14.25 -24.34
CA GLU B 137 -22.10 15.20 -24.07
C GLU B 137 -22.03 15.53 -22.57
N GLN B 138 -23.19 15.73 -21.95
CA GLN B 138 -23.28 16.07 -20.52
C GLN B 138 -23.07 14.88 -19.57
N GLU B 139 -23.39 13.66 -20.02
CA GLU B 139 -23.10 12.48 -19.20
C GLU B 139 -21.62 12.14 -19.18
N LEU B 140 -20.89 12.45 -20.26
CA LEU B 140 -19.45 12.22 -20.32
C LEU B 140 -18.71 13.17 -19.39
N VAL B 141 -19.24 14.37 -19.21
CA VAL B 141 -18.54 15.37 -18.37
C VAL B 141 -18.58 14.91 -16.92
N ARG B 142 -19.67 14.26 -16.56
CA ARG B 142 -19.83 13.75 -15.22
C ARG B 142 -18.94 12.51 -15.00
N ALA B 143 -18.84 11.67 -16.01
CA ALA B 143 -18.01 10.48 -15.93
C ALA B 143 -16.54 10.87 -15.81
N GLU B 144 -16.06 11.76 -16.69
CA GLU B 144 -14.70 12.30 -16.55
C GLU B 144 -14.48 12.82 -15.12
N ALA B 145 -15.45 13.56 -14.60
CA ALA B 145 -15.35 14.10 -13.23
C ALA B 145 -15.09 12.98 -12.24
N GLU B 146 -15.90 11.91 -12.34
CA GLU B 146 -15.85 10.76 -11.45
C GLU B 146 -14.57 9.94 -11.64
N SER B 147 -14.17 9.81 -12.90
CA SER B 147 -12.91 9.14 -13.26
C SER B 147 -11.70 9.82 -12.59
N LEU B 148 -11.62 11.14 -12.77
CA LEU B 148 -10.58 11.92 -12.11
C LEU B 148 -10.53 11.68 -10.60
N VAL B 149 -11.67 11.75 -9.93
CA VAL B 149 -11.68 11.58 -8.49
C VAL B 149 -11.30 10.15 -8.15
N ALA B 150 -11.78 9.21 -8.94
CA ALA B 150 -11.46 7.79 -8.75
C ALA B 150 -9.98 7.51 -8.94
N GLU B 151 -9.41 7.99 -10.04
CA GLU B 151 -7.99 7.74 -10.29
C GLU B 151 -7.13 8.35 -9.19
N ALA B 152 -7.51 9.54 -8.73
CA ALA B 152 -6.79 10.25 -7.69
C ALA B 152 -6.76 9.44 -6.42
N GLN B 153 -7.89 8.84 -6.08
CA GLN B 153 -8.01 8.08 -4.86
C GLN B 153 -7.22 6.75 -4.98
N LEU B 154 -7.28 6.13 -6.16
CA LEU B 154 -6.52 4.89 -6.40
C LEU B 154 -5.03 5.13 -6.22
N SER B 155 -4.52 6.15 -6.90
CA SER B 155 -3.12 6.48 -6.83
C SER B 155 -2.72 6.72 -5.39
N ASN B 156 -3.42 7.64 -4.73
CA ASN B 156 -3.05 8.09 -3.38
C ASN B 156 -3.12 7.01 -2.32
N ILE B 157 -4.08 6.10 -2.47
CA ILE B 157 -4.23 4.99 -1.54
C ILE B 157 -3.21 3.87 -1.81
N THR B 158 -2.95 3.57 -3.07
CA THR B 158 -1.92 2.59 -3.42
C THR B 158 -0.58 2.91 -2.74
N ARG B 159 -0.17 4.16 -2.81
CA ARG B 159 1.14 4.53 -2.32
C ARG B 159 1.17 4.57 -0.79
N GLU B 160 0.14 5.12 -0.18
CA GLU B 160 0.10 5.23 1.29
C GLU B 160 0.07 3.83 1.90
N LYS B 161 -0.68 2.94 1.28
CA LYS B 161 -0.81 1.61 1.82
C LYS B 161 0.34 0.70 1.41
N LEU B 162 0.75 0.73 0.15
CA LEU B 162 1.95 -0.05 -0.23
C LEU B 162 3.16 0.31 0.64
N LYS B 163 3.45 1.60 0.77
CA LYS B 163 4.57 2.04 1.61
C LYS B 163 4.39 1.55 3.04
N ALA B 164 3.19 1.72 3.58
CA ALA B 164 2.92 1.30 4.96
C ALA B 164 3.11 -0.19 5.08
N ALA B 165 2.39 -0.93 4.25
CA ALA B 165 2.42 -2.38 4.27
C ALA B 165 3.83 -2.91 4.41
N TYR B 166 4.70 -2.62 3.44
CA TYR B 166 6.03 -3.18 3.42
C TYR B 166 6.94 -2.57 4.47
N SER B 167 6.82 -1.27 4.68
CA SER B 167 7.53 -0.61 5.76
C SER B 167 7.29 -1.39 7.04
N TYR B 168 6.03 -1.59 7.39
CA TYR B 168 5.67 -2.30 8.61
C TYR B 168 6.31 -3.67 8.55
N MET B 169 5.98 -4.41 7.51
CA MET B 169 6.41 -5.79 7.41
C MET B 169 7.90 -5.94 7.68
N PHE B 170 8.72 -5.11 7.06
CA PHE B 170 10.18 -5.23 7.18
C PHE B 170 10.73 -4.97 8.57
N ASP B 171 10.21 -3.96 9.25
CA ASP B 171 10.61 -3.70 10.63
C ASP B 171 10.32 -4.93 11.48
N SER B 172 9.13 -5.51 11.30
CA SER B 172 8.77 -6.73 12.00
C SER B 172 9.71 -7.89 11.66
N LEU B 173 10.08 -8.00 10.39
CA LEU B 173 11.03 -9.02 9.97
C LEU B 173 12.41 -8.75 10.56
N ARG B 174 12.82 -7.50 10.56
CA ARG B 174 14.07 -7.16 11.20
C ARG B 174 14.04 -7.49 12.69
N GLU B 175 12.88 -7.30 13.34
CA GLU B 175 12.71 -7.73 14.73
C GLU B 175 12.87 -9.23 14.89
N LEU B 176 12.11 -10.01 14.13
CA LEU B 176 12.16 -11.47 14.25
C LEU B 176 13.57 -11.98 14.11
N SER B 177 14.22 -11.56 13.03
CA SER B 177 15.60 -11.96 12.71
C SER B 177 16.64 -11.62 13.79
N GLU B 178 16.78 -10.36 14.14
CA GLU B 178 17.78 -10.01 15.14
C GLU B 178 17.56 -10.82 16.42
N LYS B 179 16.29 -10.97 16.80
CA LYS B 179 15.95 -11.76 17.99
C LYS B 179 16.27 -13.23 17.77
N PHE B 180 16.12 -13.72 16.55
CA PHE B 180 16.57 -15.07 16.23
C PHE B 180 18.06 -15.15 16.38
N ALA B 181 18.75 -14.20 15.76
CA ALA B 181 20.19 -14.17 15.78
C ALA B 181 20.72 -14.26 17.20
N LEU B 182 20.20 -13.44 18.09
CA LEU B 182 20.63 -13.46 19.48
C LEU B 182 20.36 -14.84 20.08
N ILE B 183 19.16 -15.38 19.91
CA ILE B 183 18.86 -16.68 20.49
C ILE B 183 19.81 -17.75 20.00
N ALA B 184 20.12 -17.69 18.72
CA ALA B 184 21.11 -18.61 18.14
C ALA B 184 22.43 -18.53 18.87
N GLY B 185 22.83 -17.31 19.22
CA GLY B 185 24.06 -17.07 19.97
C GLY B 185 24.04 -17.88 21.24
N TYR B 186 22.98 -17.68 22.03
CA TYR B 186 22.88 -18.32 23.34
C TYR B 186 22.69 -19.82 23.23
N GLY B 187 22.00 -20.27 22.20
CA GLY B 187 21.93 -21.70 21.91
C GLY B 187 23.32 -22.30 21.90
N LYS B 188 24.20 -21.70 21.11
CA LYS B 188 25.56 -22.20 20.99
C LYS B 188 26.34 -22.13 22.31
N ALA B 189 26.12 -21.07 23.08
CA ALA B 189 26.77 -20.94 24.38
C ALA B 189 26.41 -22.12 25.27
N LEU B 190 25.11 -22.41 25.37
CA LEU B 190 24.64 -23.56 26.12
C LEU B 190 25.49 -24.82 25.87
N LEU B 191 25.75 -25.12 24.60
CA LEU B 191 26.52 -26.31 24.25
C LEU B 191 27.90 -26.41 24.92
N GLU B 192 28.49 -25.29 25.35
CA GLU B 192 29.79 -25.33 26.02
C GLU B 192 29.73 -26.08 27.34
N LEU B 193 28.57 -26.09 27.97
CA LEU B 193 28.37 -26.80 29.25
C LEU B 193 28.42 -28.34 29.11
N LEU B 194 28.42 -28.82 27.87
CA LEU B 194 28.56 -30.24 27.56
C LEU B 194 30.06 -30.60 27.50
N ASP B 195 30.48 -31.65 28.21
CA ASP B 195 31.91 -32.01 28.28
C ASP B 195 32.35 -33.06 27.24
N ASP B 196 32.95 -32.62 26.13
CA ASP B 196 33.48 -33.54 25.11
C ASP B 196 34.79 -34.16 25.58
N SER B 197 34.72 -35.03 26.57
CA SER B 197 35.90 -35.71 27.11
C SER B 197 35.56 -37.19 27.38
N PRO B 198 35.70 -38.04 26.33
CA PRO B 198 35.46 -39.48 26.44
C PRO B 198 36.10 -40.11 27.67
N PRO B 206 33.46 -37.17 36.23
CA PRO B 206 33.38 -35.93 37.02
C PRO B 206 31.94 -35.39 37.08
N ALA B 207 31.52 -34.95 38.27
CA ALA B 207 30.13 -34.54 38.49
C ALA B 207 29.73 -33.32 37.67
N TYR B 208 28.54 -33.35 37.07
CA TYR B 208 28.07 -32.19 36.33
C TYR B 208 27.74 -31.05 37.29
N ASP B 209 28.19 -29.84 36.96
CA ASP B 209 27.73 -28.64 37.68
C ASP B 209 27.76 -27.41 36.76
N GLY B 210 26.81 -27.40 35.83
CA GLY B 210 26.62 -26.28 34.93
C GLY B 210 25.24 -25.66 35.07
N TYR B 211 24.55 -26.00 36.14
CA TYR B 211 23.21 -25.48 36.36
C TYR B 211 23.24 -23.95 36.52
N GLU B 212 24.17 -23.46 37.32
CA GLU B 212 24.34 -22.02 37.53
C GLU B 212 24.63 -21.34 36.21
N ALA B 213 25.51 -21.95 35.41
CA ALA B 213 25.93 -21.36 34.17
C ALA B 213 24.78 -21.32 33.19
N SER B 214 24.04 -22.44 33.06
CA SER B 214 22.95 -22.51 32.09
C SER B 214 21.80 -21.59 32.46
N ARG B 215 21.47 -21.52 33.74
CA ARG B 215 20.48 -20.53 34.18
C ARG B 215 20.87 -19.13 33.72
N GLN B 216 22.13 -18.78 33.95
CA GLN B 216 22.60 -17.44 33.58
C GLN B 216 22.41 -17.16 32.09
N ILE B 217 22.62 -18.18 31.27
CA ILE B 217 22.38 -18.01 29.85
C ILE B 217 20.92 -17.66 29.60
N ILE B 218 19.98 -18.47 30.08
CA ILE B 218 18.57 -18.19 29.85
C ILE B 218 18.20 -16.82 30.38
N MET B 219 18.66 -16.50 31.59
CA MET B 219 18.46 -15.16 32.16
C MET B 219 19.02 -14.07 31.25
N ASP B 220 20.19 -14.34 30.66
CA ASP B 220 20.82 -13.42 29.69
C ASP B 220 19.93 -13.23 28.47
N ALA B 221 19.52 -14.34 27.89
CA ALA B 221 18.64 -14.30 26.74
C ALA B 221 17.41 -13.46 27.04
N GLU B 222 16.64 -13.85 28.05
CA GLU B 222 15.44 -13.10 28.38
C GLU B 222 15.78 -11.62 28.50
N SER B 223 16.93 -11.31 29.08
CA SER B 223 17.36 -9.91 29.24
C SER B 223 17.61 -9.24 27.89
N ALA B 224 18.34 -9.94 27.04
CA ALA B 224 18.71 -9.43 25.73
C ALA B 224 17.50 -9.28 24.81
N LEU B 225 16.45 -10.07 25.05
CA LEU B 225 15.21 -9.91 24.28
C LEU B 225 14.37 -8.74 24.77
N GLU B 226 14.20 -8.63 26.09
CA GLU B 226 13.44 -7.54 26.68
C GLU B 226 13.97 -6.16 26.30
N SER B 227 15.28 -6.05 26.17
CA SER B 227 15.92 -4.75 25.93
C SER B 227 16.25 -4.49 24.46
N TRP B 228 15.64 -5.25 23.55
CA TRP B 228 15.83 -5.02 22.12
C TRP B 228 15.01 -3.80 21.70
N THR B 229 15.54 -3.04 20.75
CA THR B 229 14.80 -1.92 20.17
C THR B 229 15.28 -1.67 18.75
N LEU B 230 14.35 -1.29 17.88
CA LEU B 230 14.72 -0.73 16.59
C LEU B 230 15.43 0.58 16.89
N ASP B 231 16.31 1.01 15.98
CA ASP B 231 16.86 2.38 16.02
C ASP B 231 17.76 2.65 17.23
N PRO C 19 -23.37 40.07 -41.99
CA PRO C 19 -24.63 40.81 -42.17
C PRO C 19 -24.81 42.02 -41.21
N GLU C 20 -25.27 43.15 -41.77
CA GLU C 20 -25.25 44.48 -41.10
C GLU C 20 -25.86 44.51 -39.69
N LEU C 21 -26.90 43.73 -39.45
CA LEU C 21 -27.54 43.71 -38.14
C LEU C 21 -26.65 42.99 -37.15
N ALA C 22 -26.34 41.73 -37.45
CA ALA C 22 -25.55 40.89 -36.57
C ALA C 22 -24.17 41.47 -36.22
N ARG C 23 -23.67 42.38 -37.06
CA ARG C 23 -22.32 42.93 -36.94
C ARG C 23 -21.95 43.39 -35.53
N LYS C 24 -22.68 44.37 -35.00
CA LYS C 24 -22.30 44.99 -33.73
C LYS C 24 -22.47 44.06 -32.53
N LEU C 25 -23.54 43.27 -32.55
CA LEU C 25 -23.76 42.30 -31.50
C LEU C 25 -22.72 41.20 -31.58
N SER C 26 -22.26 40.86 -32.77
CA SER C 26 -21.29 39.80 -32.88
C SER C 26 -19.94 40.21 -32.28
N GLN C 27 -19.62 41.49 -32.36
CA GLN C 27 -18.49 42.03 -31.64
C GLN C 27 -18.66 41.87 -30.12
N LEU C 28 -19.86 42.13 -29.61
CA LEU C 28 -20.08 42.07 -28.18
C LEU C 28 -19.96 40.64 -27.67
N VAL C 29 -20.46 39.69 -28.43
CA VAL C 29 -20.35 38.29 -28.05
C VAL C 29 -18.87 37.88 -28.02
N LYS C 30 -18.07 38.47 -28.88
CA LYS C 30 -16.68 38.09 -28.99
C LYS C 30 -15.96 38.58 -27.75
N THR C 31 -16.13 39.86 -27.45
CA THR C 31 -15.51 40.44 -26.28
C THR C 31 -15.87 39.67 -25.04
N GLU C 32 -17.12 39.25 -24.93
CA GLU C 32 -17.54 38.58 -23.71
C GLU C 32 -16.95 37.19 -23.54
N LYS C 33 -16.61 36.50 -24.65
CA LYS C 33 -15.84 35.26 -24.56
C LYS C 33 -14.45 35.57 -24.01
N GLY C 34 -13.85 36.66 -24.47
CA GLY C 34 -12.53 37.10 -24.01
C GLY C 34 -12.49 37.41 -22.53
N VAL C 35 -13.55 38.07 -22.06
CA VAL C 35 -13.71 38.32 -20.64
C VAL C 35 -13.84 36.99 -19.92
N LEU C 36 -14.58 36.05 -20.51
CA LEU C 36 -14.78 34.76 -19.88
C LEU C 36 -13.41 34.12 -19.67
N ARG C 37 -12.63 34.01 -20.75
CA ARG C 37 -11.32 33.34 -20.70
C ARG C 37 -10.41 33.88 -19.61
N ALA C 38 -10.43 35.19 -19.41
CA ALA C 38 -9.56 35.81 -18.41
C ALA C 38 -10.06 35.47 -17.01
N MET C 39 -11.36 35.55 -16.81
CA MET C 39 -11.89 35.22 -15.51
C MET C 39 -11.49 33.79 -15.15
N GLU C 40 -11.52 32.88 -16.14
CA GLU C 40 -11.04 31.50 -15.94
C GLU C 40 -9.60 31.47 -15.39
N VAL C 41 -8.75 32.33 -15.94
CA VAL C 41 -7.34 32.32 -15.59
C VAL C 41 -7.16 32.95 -14.22
N VAL C 42 -7.85 34.06 -14.01
CA VAL C 42 -7.83 34.68 -12.70
C VAL C 42 -8.23 33.63 -11.68
N ALA C 43 -9.40 33.03 -11.84
CA ALA C 43 -9.88 31.99 -10.91
C ALA C 43 -8.87 30.88 -10.75
N SER C 44 -8.43 30.32 -11.86
CA SER C 44 -7.44 29.25 -11.84
C SER C 44 -6.21 29.67 -11.07
N GLU C 45 -5.69 30.85 -11.36
CA GLU C 45 -4.44 31.28 -10.74
C GLU C 45 -4.60 31.53 -9.27
N ARG C 46 -5.76 32.03 -8.85
CA ARG C 46 -5.98 32.18 -7.41
C ARG C 46 -5.85 30.86 -6.68
N ARG C 47 -6.27 29.76 -7.29
CA ARG C 47 -6.19 28.49 -6.59
C ARG C 47 -4.77 28.07 -6.45
N GLU C 48 -3.92 28.41 -7.41
CA GLU C 48 -2.49 28.09 -7.28
C GLU C 48 -1.86 28.93 -6.17
N ALA C 49 -2.21 30.22 -6.12
CA ALA C 49 -1.72 31.12 -5.08
C ALA C 49 -2.10 30.65 -3.68
N ALA C 50 -3.34 30.19 -3.56
CA ALA C 50 -3.81 29.57 -2.35
C ALA C 50 -2.90 28.44 -1.92
N LYS C 51 -2.73 27.42 -2.76
CA LYS C 51 -1.89 26.26 -2.43
C LYS C 51 -0.46 26.63 -2.09
N GLN C 52 0.08 27.62 -2.80
CA GLN C 52 1.46 28.04 -2.58
C GLN C 52 1.63 28.82 -1.26
N LEU C 53 0.66 29.65 -0.93
CA LEU C 53 0.70 30.36 0.35
C LEU C 53 0.64 29.35 1.48
N SER C 54 -0.34 28.45 1.40
CA SER C 54 -0.46 27.39 2.37
C SER C 54 0.86 26.63 2.50
N LEU C 55 1.43 26.27 1.36
CA LEU C 55 2.62 25.43 1.28
C LEU C 55 3.86 26.15 1.83
N TRP C 56 4.00 27.43 1.52
CA TRP C 56 5.11 28.23 2.04
C TRP C 56 5.03 28.41 3.55
N GLY C 57 3.82 28.67 4.02
CA GLY C 57 3.58 28.93 5.42
C GLY C 57 3.87 27.68 6.23
N ALA C 58 3.62 26.52 5.62
CA ALA C 58 3.85 25.20 6.25
C ALA C 58 5.18 25.01 6.98
N ASP C 59 6.27 25.61 6.48
CA ASP C 59 7.58 25.43 7.14
C ASP C 59 8.08 26.73 7.80
N ASN C 60 7.14 27.43 8.42
CA ASN C 60 7.42 28.64 9.18
C ASN C 60 7.05 28.42 10.66
N ASP C 61 6.88 29.48 11.44
CA ASP C 61 6.43 29.35 12.82
C ASP C 61 5.02 28.72 12.82
N ASP C 62 4.53 28.34 14.01
CA ASP C 62 3.26 27.62 14.06
C ASP C 62 2.05 28.52 13.81
N ASP C 63 2.07 29.73 14.36
CA ASP C 63 0.98 30.67 14.08
C ASP C 63 0.86 30.95 12.59
N VAL C 64 2.00 31.26 11.97
CA VAL C 64 2.05 31.64 10.57
C VAL C 64 1.58 30.50 9.73
N SER C 65 2.08 29.30 10.06
CA SER C 65 1.73 28.09 9.34
C SER C 65 0.24 27.79 9.34
N ASP C 66 -0.40 27.93 10.50
CA ASP C 66 -1.84 27.68 10.60
C ASP C 66 -2.61 28.73 9.85
N VAL C 67 -2.27 29.99 10.07
CA VAL C 67 -3.04 31.09 9.53
C VAL C 67 -2.97 30.99 8.01
N THR C 68 -1.79 30.70 7.48
CA THR C 68 -1.66 30.55 6.03
C THR C 68 -2.34 29.27 5.49
N ASP C 69 -2.55 28.27 6.35
CA ASP C 69 -3.32 27.11 5.95
C ASP C 69 -4.75 27.58 5.70
N LYS C 70 -5.33 28.25 6.69
CA LYS C 70 -6.73 28.68 6.59
C LYS C 70 -6.88 29.73 5.49
N LEU C 71 -6.01 30.73 5.47
CA LEU C 71 -6.09 31.73 4.46
C LEU C 71 -6.20 31.03 3.11
N GLY C 72 -5.41 29.97 2.93
CA GLY C 72 -5.40 29.20 1.69
C GLY C 72 -6.76 28.61 1.39
N VAL C 73 -7.37 27.97 2.40
CA VAL C 73 -8.73 27.47 2.27
C VAL C 73 -9.62 28.60 1.78
N LEU C 74 -9.47 29.78 2.35
CA LEU C 74 -10.38 30.89 2.01
C LEU C 74 -10.17 31.37 0.59
N ILE C 75 -8.93 31.66 0.25
CA ILE C 75 -8.61 32.13 -1.09
C ILE C 75 -8.95 31.09 -2.16
N TYR C 76 -8.76 29.81 -1.86
CA TYR C 76 -9.23 28.74 -2.76
C TYR C 76 -10.73 28.89 -3.05
N GLU C 77 -11.51 29.14 -2.01
CA GLU C 77 -12.96 29.32 -2.21
C GLU C 77 -13.27 30.55 -3.03
N LEU C 78 -12.45 31.59 -2.93
CA LEU C 78 -12.63 32.71 -3.84
C LEU C 78 -12.55 32.23 -5.28
N GLY C 79 -11.72 31.21 -5.52
CA GLY C 79 -11.53 30.65 -6.84
C GLY C 79 -12.76 29.89 -7.28
N GLU C 80 -13.23 29.00 -6.42
CA GLU C 80 -14.36 28.17 -6.77
C GLU C 80 -15.60 29.02 -7.01
N LEU C 81 -15.77 30.08 -6.24
CA LEU C 81 -16.89 30.96 -6.44
C LEU C 81 -16.87 31.61 -7.83
N GLN C 82 -15.69 32.03 -8.28
CA GLN C 82 -15.59 32.66 -9.58
C GLN C 82 -15.90 31.68 -10.70
N ASP C 83 -15.55 30.41 -10.53
CA ASP C 83 -15.98 29.38 -11.48
C ASP C 83 -17.47 29.14 -11.45
N GLN C 84 -18.06 29.22 -10.26
CA GLN C 84 -19.50 29.18 -10.18
C GLN C 84 -20.10 30.31 -10.99
N PHE C 85 -19.53 31.50 -10.86
CA PHE C 85 -20.00 32.65 -11.63
C PHE C 85 -19.67 32.54 -13.12
N ILE C 86 -18.56 31.89 -13.44
CA ILE C 86 -18.15 31.76 -14.83
C ILE C 86 -19.17 30.93 -15.62
N ASP C 87 -19.71 29.87 -15.02
CA ASP C 87 -20.75 29.07 -15.68
C ASP C 87 -21.97 29.90 -15.98
N LYS C 88 -22.38 30.67 -14.98
CA LYS C 88 -23.52 31.55 -15.14
C LYS C 88 -23.24 32.60 -16.17
N TYR C 89 -21.99 33.05 -16.26
CA TYR C 89 -21.60 34.01 -17.32
C TYR C 89 -21.70 33.38 -18.69
N ASP C 90 -21.41 32.09 -18.80
CA ASP C 90 -21.55 31.44 -20.09
C ASP C 90 -23.02 31.37 -20.52
N GLN C 91 -23.92 31.12 -19.56
CA GLN C 91 -25.34 31.14 -19.83
C GLN C 91 -25.76 32.50 -20.36
N TYR C 92 -25.17 33.55 -19.80
CA TYR C 92 -25.38 34.93 -20.25
C TYR C 92 -24.95 35.11 -21.71
N ARG C 93 -23.67 34.89 -21.99
CA ARG C 93 -23.16 34.95 -23.36
C ARG C 93 -24.05 34.17 -24.33
N VAL C 94 -24.38 32.93 -24.00
CA VAL C 94 -25.19 32.13 -24.88
C VAL C 94 -26.48 32.85 -25.23
N THR C 95 -27.17 33.38 -24.22
CA THR C 95 -28.38 34.19 -24.46
C THR C 95 -28.12 35.34 -25.46
N LEU C 96 -27.00 36.04 -25.31
CA LEU C 96 -26.66 37.11 -26.25
C LEU C 96 -26.36 36.55 -27.61
N LYS C 97 -25.69 35.41 -27.61
CA LYS C 97 -25.36 34.69 -28.83
C LYS C 97 -26.67 34.37 -29.54
N SER C 98 -27.69 34.03 -28.75
CA SER C 98 -29.01 33.69 -29.25
C SER C 98 -29.67 34.89 -29.97
N ILE C 99 -29.49 36.09 -29.43
CA ILE C 99 -30.01 37.30 -30.06
C ILE C 99 -29.31 37.61 -31.38
N ARG C 100 -27.98 37.52 -31.37
CA ARG C 100 -27.20 37.70 -32.59
C ARG C 100 -27.64 36.77 -33.70
N ASN C 101 -28.00 35.54 -33.35
CA ASN C 101 -28.46 34.59 -34.34
C ASN C 101 -29.73 35.04 -35.01
N ILE C 102 -30.65 35.62 -34.25
CA ILE C 102 -31.93 36.01 -34.82
C ILE C 102 -31.81 37.31 -35.65
N GLU C 103 -30.97 38.25 -35.23
CA GLU C 103 -30.65 39.39 -36.10
C GLU C 103 -30.08 38.88 -37.42
N ALA C 104 -29.16 37.92 -37.33
CA ALA C 104 -28.61 37.29 -38.51
C ALA C 104 -29.70 36.69 -39.40
N SER C 105 -30.74 36.13 -38.79
CA SER C 105 -31.83 35.51 -39.55
C SER C 105 -32.74 36.52 -40.29
N VAL C 106 -32.76 37.77 -39.83
CA VAL C 106 -33.65 38.79 -40.42
C VAL C 106 -33.05 39.60 -41.59
N GLN C 107 -31.72 39.58 -41.77
CA GLN C 107 -31.13 40.35 -42.88
C GLN C 107 -31.72 40.00 -44.24
N PRO C 108 -31.84 38.70 -44.56
CA PRO C 108 -32.39 38.30 -45.86
C PRO C 108 -33.72 39.00 -46.19
N SER C 109 -34.56 39.17 -45.18
CA SER C 109 -35.82 39.87 -45.32
C SER C 109 -35.66 41.36 -45.63
N ARG C 110 -34.62 42.00 -45.11
CA ARG C 110 -34.40 43.43 -45.41
C ARG C 110 -33.84 43.61 -46.79
N ASP C 111 -32.94 42.72 -47.19
CA ASP C 111 -32.38 42.80 -48.53
C ASP C 111 -33.51 42.68 -49.54
N ARG C 112 -34.28 41.61 -49.44
CA ARG C 112 -35.39 41.38 -50.37
C ARG C 112 -36.22 42.64 -50.56
N LYS C 113 -36.64 43.25 -49.46
CA LYS C 113 -37.48 44.44 -49.47
C LYS C 113 -36.79 45.63 -50.14
N GLU C 114 -35.48 45.76 -49.92
CA GLU C 114 -34.70 46.84 -50.53
C GLU C 114 -34.56 46.66 -52.05
N LYS C 115 -34.15 45.47 -52.46
CA LYS C 115 -34.04 45.15 -53.88
C LYS C 115 -35.33 45.46 -54.65
N ILE C 116 -36.47 45.00 -54.13
CA ILE C 116 -37.75 45.23 -54.80
C ILE C 116 -38.22 46.67 -54.73
N THR C 117 -37.94 47.36 -53.64
CA THR C 117 -38.34 48.75 -53.51
C THR C 117 -37.68 49.56 -54.61
N ASP C 118 -36.36 49.42 -54.75
CA ASP C 118 -35.60 50.17 -55.75
C ASP C 118 -35.89 49.72 -57.17
N GLU C 119 -36.32 48.46 -57.32
CA GLU C 119 -36.70 47.88 -58.61
C GLU C 119 -37.98 48.52 -59.17
N ILE C 120 -39.00 48.73 -58.33
CA ILE C 120 -40.24 49.37 -58.80
C ILE C 120 -40.09 50.90 -58.90
N ALA C 121 -39.27 51.47 -58.02
CA ALA C 121 -38.98 52.90 -58.07
C ALA C 121 -38.39 53.26 -59.44
N HIS C 122 -37.41 52.47 -59.85
CA HIS C 122 -36.78 52.60 -61.16
C HIS C 122 -37.82 52.46 -62.28
N LEU C 123 -38.53 51.33 -62.31
CA LEU C 123 -39.49 51.06 -63.38
C LEU C 123 -40.56 52.16 -63.47
N LYS C 124 -41.17 52.50 -62.35
CA LYS C 124 -42.19 53.56 -62.32
C LYS C 124 -41.67 54.92 -62.78
N TYR C 125 -40.41 55.20 -62.47
CA TYR C 125 -39.78 56.47 -62.84
C TYR C 125 -39.65 56.60 -64.35
N LYS C 126 -39.26 55.51 -65.02
CA LYS C 126 -38.98 55.52 -66.45
C LYS C 126 -39.96 54.80 -67.36
N ASP C 127 -40.84 54.00 -66.78
CA ASP C 127 -41.82 53.26 -67.57
C ASP C 127 -42.97 52.82 -66.66
N PRO C 128 -44.03 53.64 -66.56
CA PRO C 128 -45.29 53.15 -66.02
C PRO C 128 -45.81 52.00 -66.90
N GLN C 129 -45.13 50.88 -66.75
CA GLN C 129 -45.09 49.79 -67.70
C GLN C 129 -46.28 48.88 -67.64
N SER C 130 -46.72 48.47 -68.83
CA SER C 130 -47.78 47.48 -68.99
C SER C 130 -47.57 46.27 -68.09
N THR C 131 -46.46 45.59 -68.33
CA THR C 131 -46.16 44.39 -67.59
C THR C 131 -45.43 44.79 -66.32
N LYS C 132 -45.24 43.82 -65.45
CA LYS C 132 -44.36 43.93 -64.26
C LYS C 132 -44.79 44.85 -63.13
N ILE C 133 -45.29 46.05 -63.40
CA ILE C 133 -45.74 46.91 -62.28
C ILE C 133 -46.72 46.15 -61.38
N PRO C 134 -47.80 45.57 -61.96
CA PRO C 134 -48.75 44.75 -61.19
C PRO C 134 -48.25 43.35 -60.78
N VAL C 135 -47.26 42.82 -61.48
CA VAL C 135 -46.61 41.59 -61.04
C VAL C 135 -45.63 41.87 -59.89
N LEU C 136 -44.94 43.00 -59.94
CA LEU C 136 -43.94 43.35 -58.93
C LEU C 136 -44.56 44.05 -57.74
N GLU C 137 -45.69 44.72 -57.95
CA GLU C 137 -46.49 45.22 -56.83
C GLU C 137 -46.80 44.03 -55.93
N GLN C 138 -47.06 42.89 -56.57
CA GLN C 138 -47.36 41.64 -55.88
C GLN C 138 -46.23 41.21 -54.96
N GLU C 139 -45.00 41.30 -55.46
CA GLU C 139 -43.80 40.96 -54.69
C GLU C 139 -43.57 41.95 -53.55
N LEU C 140 -43.89 43.22 -53.78
CA LEU C 140 -43.59 44.25 -52.82
C LEU C 140 -44.41 44.06 -51.56
N VAL C 141 -45.72 43.96 -51.72
CA VAL C 141 -46.57 43.66 -50.57
C VAL C 141 -46.09 42.35 -49.90
N ARG C 142 -45.64 41.42 -50.72
CA ARG C 142 -45.16 40.14 -50.22
C ARG C 142 -43.91 40.36 -49.40
N ALA C 143 -43.03 41.23 -49.88
CA ALA C 143 -41.77 41.49 -49.19
C ALA C 143 -41.98 42.37 -47.98
N GLU C 144 -42.80 43.41 -48.07
CA GLU C 144 -42.98 44.31 -46.95
C GLU C 144 -43.76 43.61 -45.84
N ALA C 145 -44.70 42.74 -46.21
CA ALA C 145 -45.44 41.98 -45.18
C ALA C 145 -44.47 41.13 -44.37
N GLU C 146 -43.69 40.33 -45.10
CA GLU C 146 -42.66 39.49 -44.51
C GLU C 146 -41.80 40.28 -43.51
N SER C 147 -41.41 41.50 -43.88
CA SER C 147 -40.49 42.27 -43.05
C SER C 147 -41.15 42.72 -41.76
N LEU C 148 -42.35 43.26 -41.85
CA LEU C 148 -43.11 43.61 -40.67
C LEU C 148 -43.11 42.49 -39.65
N VAL C 149 -43.38 41.27 -40.11
CA VAL C 149 -43.43 40.15 -39.19
C VAL C 149 -42.07 39.88 -38.60
N ALA C 150 -41.06 39.75 -39.45
CA ALA C 150 -39.72 39.39 -38.99
C ALA C 150 -39.19 40.45 -38.01
N GLU C 151 -39.38 41.72 -38.35
CA GLU C 151 -39.02 42.83 -37.50
C GLU C 151 -39.82 42.83 -36.18
N ALA C 152 -41.11 42.55 -36.24
CA ALA C 152 -41.91 42.59 -35.05
C ALA C 152 -41.45 41.53 -34.07
N GLN C 153 -41.16 40.33 -34.55
CA GLN C 153 -40.74 39.25 -33.64
C GLN C 153 -39.31 39.47 -33.13
N LEU C 154 -38.46 40.04 -33.97
CA LEU C 154 -37.12 40.41 -33.56
C LEU C 154 -37.18 41.36 -32.36
N SER C 155 -37.97 42.40 -32.47
CA SER C 155 -38.09 43.34 -31.37
C SER C 155 -38.62 42.65 -30.10
N ASN C 156 -39.51 41.67 -30.25
CA ASN C 156 -40.00 40.93 -29.08
C ASN C 156 -38.89 40.07 -28.45
N ILE C 157 -38.25 39.27 -29.29
CA ILE C 157 -37.18 38.38 -28.85
C ILE C 157 -35.99 39.16 -28.33
N THR C 158 -35.69 40.29 -28.93
CA THR C 158 -34.59 41.11 -28.44
C THR C 158 -34.90 41.54 -27.03
N ARG C 159 -35.96 42.31 -26.84
CA ARG C 159 -36.27 42.79 -25.51
C ARG C 159 -36.39 41.72 -24.44
N GLU C 160 -36.87 40.54 -24.80
CA GLU C 160 -37.06 39.47 -23.82
C GLU C 160 -35.72 38.94 -23.39
N LYS C 161 -34.92 38.54 -24.36
CA LYS C 161 -33.65 37.88 -24.06
C LYS C 161 -32.71 38.86 -23.42
N LEU C 162 -32.60 40.05 -24.01
CA LEU C 162 -31.80 41.13 -23.43
C LEU C 162 -32.09 41.30 -21.95
N LYS C 163 -33.36 41.43 -21.60
CA LYS C 163 -33.75 41.64 -20.21
C LYS C 163 -33.35 40.45 -19.38
N ALA C 164 -33.69 39.24 -19.82
CA ALA C 164 -33.31 38.02 -19.09
C ALA C 164 -31.81 37.90 -18.86
N ALA C 165 -31.04 38.11 -19.92
CA ALA C 165 -29.58 37.88 -19.92
C ALA C 165 -28.92 38.74 -18.88
N TYR C 166 -29.21 40.04 -18.92
CA TYR C 166 -28.62 40.97 -17.99
C TYR C 166 -29.19 40.82 -16.61
N SER C 167 -30.44 40.42 -16.50
CA SER C 167 -31.00 40.17 -15.19
C SER C 167 -30.22 39.04 -14.55
N TYR C 168 -30.04 37.94 -15.28
CA TYR C 168 -29.36 36.78 -14.75
C TYR C 168 -27.95 37.18 -14.33
N MET C 169 -27.26 37.87 -15.22
CA MET C 169 -25.88 38.26 -15.02
C MET C 169 -25.69 39.14 -13.79
N PHE C 170 -26.46 40.20 -13.67
CA PHE C 170 -26.38 41.06 -12.49
C PHE C 170 -26.75 40.37 -11.19
N ASP C 171 -27.75 39.51 -11.20
CA ASP C 171 -28.03 38.64 -10.05
C ASP C 171 -26.80 37.77 -9.70
N SER C 172 -26.13 37.23 -10.71
CA SER C 172 -24.99 36.36 -10.44
C SER C 172 -23.78 37.16 -9.97
N LEU C 173 -23.48 38.25 -10.66
CA LEU C 173 -22.43 39.14 -10.23
C LEU C 173 -22.64 39.60 -8.79
N ARG C 174 -23.83 40.06 -8.47
CA ARG C 174 -24.09 40.46 -7.10
C ARG C 174 -23.78 39.33 -6.14
N GLU C 175 -24.22 38.13 -6.46
CA GLU C 175 -23.99 36.97 -5.59
C GLU C 175 -22.51 36.72 -5.36
N LEU C 176 -21.75 36.75 -6.43
CA LEU C 176 -20.32 36.50 -6.37
C LEU C 176 -19.65 37.54 -5.50
N SER C 177 -20.03 38.80 -5.69
CA SER C 177 -19.46 39.90 -4.94
C SER C 177 -19.84 39.87 -3.46
N GLU C 178 -21.10 39.64 -3.13
CA GLU C 178 -21.46 39.55 -1.72
C GLU C 178 -20.70 38.40 -1.07
N LYS C 179 -20.72 37.24 -1.70
CA LYS C 179 -19.93 36.10 -1.21
C LYS C 179 -18.43 36.41 -1.08
N PHE C 180 -17.86 37.19 -1.99
CA PHE C 180 -16.45 37.61 -1.84
C PHE C 180 -16.32 38.50 -0.60
N ALA C 181 -17.28 39.40 -0.40
CA ALA C 181 -17.18 40.40 0.67
C ALA C 181 -17.19 39.72 2.03
N LEU C 182 -17.98 38.66 2.15
CA LEU C 182 -18.10 37.92 3.39
C LEU C 182 -16.82 37.20 3.68
N ILE C 183 -16.32 36.49 2.68
CA ILE C 183 -15.06 35.80 2.82
C ILE C 183 -13.98 36.80 3.16
N ALA C 184 -13.98 37.95 2.52
CA ALA C 184 -12.91 38.91 2.75
C ALA C 184 -12.78 39.14 4.25
N GLY C 185 -13.91 39.47 4.89
CA GLY C 185 -13.95 39.74 6.31
C GLY C 185 -13.41 38.60 7.12
N TYR C 186 -13.85 37.40 6.83
CA TYR C 186 -13.42 36.26 7.62
C TYR C 186 -11.93 36.05 7.47
N GLY C 187 -11.40 36.35 6.29
CA GLY C 187 -9.95 36.29 6.09
C GLY C 187 -9.25 37.27 7.02
N LYS C 188 -9.77 38.49 7.07
CA LYS C 188 -9.17 39.52 7.89
C LYS C 188 -9.19 39.15 9.37
N ALA C 189 -10.18 38.39 9.81
CA ALA C 189 -10.20 37.90 11.18
C ALA C 189 -8.98 37.05 11.48
N LEU C 190 -8.81 35.94 10.75
CA LEU C 190 -7.65 35.05 10.90
C LEU C 190 -6.32 35.76 11.15
N LEU C 191 -6.15 36.96 10.61
CA LEU C 191 -4.90 37.70 10.79
C LEU C 191 -4.65 38.12 12.24
N GLU C 192 -5.72 38.24 13.03
CA GLU C 192 -5.56 38.65 14.41
C GLU C 192 -4.98 37.53 15.27
N LEU C 193 -5.00 36.32 14.73
CA LEU C 193 -4.33 35.16 15.33
C LEU C 193 -2.85 35.19 15.07
N LEU C 194 -2.43 36.07 14.17
CA LEU C 194 -1.04 36.23 13.84
C LEU C 194 -0.48 37.33 14.75
N ASP C 195 0.63 37.03 15.42
CA ASP C 195 1.25 37.92 16.41
C ASP C 195 2.43 38.70 15.83
N ASP C 196 2.40 40.04 15.94
CA ASP C 196 3.48 40.93 15.43
C ASP C 196 4.63 41.18 16.40
N SER C 197 4.30 41.22 17.70
CA SER C 197 5.22 41.62 18.76
C SER C 197 6.61 40.95 18.69
N PRO C 198 7.65 41.75 18.35
CA PRO C 198 9.00 41.27 18.07
C PRO C 198 9.61 40.32 19.09
N VAL C 199 10.53 39.47 18.62
CA VAL C 199 11.38 38.69 19.49
C VAL C 199 12.84 39.14 19.37
N THR C 200 13.50 39.31 20.51
CA THR C 200 14.92 39.53 20.56
C THR C 200 15.60 38.21 20.18
N PRO C 201 16.80 38.27 19.62
CA PRO C 201 17.53 37.06 19.24
C PRO C 201 17.57 36.00 20.34
N GLY C 202 17.13 34.79 20.02
CA GLY C 202 17.19 33.65 20.96
C GLY C 202 16.08 33.61 21.99
N GLU C 203 15.01 34.36 21.77
CA GLU C 203 13.86 34.40 22.65
C GLU C 203 12.74 33.51 22.08
N ALA C 204 12.26 32.59 22.90
CA ALA C 204 11.19 31.67 22.51
C ALA C 204 9.93 32.45 22.22
N ARG C 205 9.25 32.10 21.13
CA ARG C 205 7.91 32.60 20.89
C ARG C 205 7.03 31.85 21.86
N PRO C 206 5.92 32.47 22.29
CA PRO C 206 4.95 31.67 23.07
C PRO C 206 4.36 30.56 22.18
N ALA C 207 3.97 29.45 22.80
CA ALA C 207 3.41 28.34 22.04
C ALA C 207 2.11 28.83 21.42
N TYR C 208 1.89 28.43 20.18
CA TYR C 208 0.69 28.82 19.46
C TYR C 208 -0.45 27.93 19.92
N ASP C 209 -1.57 28.55 20.27
CA ASP C 209 -2.78 27.83 20.62
C ASP C 209 -3.93 28.62 20.00
N GLY C 210 -3.93 28.67 18.67
CA GLY C 210 -4.98 29.35 17.92
C GLY C 210 -5.77 28.41 17.01
N TYR C 211 -5.54 27.10 17.15
CA TYR C 211 -6.16 26.15 16.25
C TYR C 211 -7.67 26.10 16.45
N GLU C 212 -8.12 26.26 17.70
CA GLU C 212 -9.55 26.26 17.99
C GLU C 212 -10.24 27.46 17.32
N ALA C 213 -9.65 28.64 17.53
CA ALA C 213 -10.23 29.89 17.05
C ALA C 213 -10.24 29.95 15.53
N SER C 214 -9.19 29.44 14.91
CA SER C 214 -9.04 29.45 13.46
C SER C 214 -10.00 28.47 12.81
N ARG C 215 -10.05 27.27 13.35
CA ARG C 215 -10.98 26.27 12.84
C ARG C 215 -12.42 26.65 13.12
N GLN C 216 -12.64 27.55 14.06
CA GLN C 216 -13.96 28.12 14.28
C GLN C 216 -14.33 29.10 13.15
N ILE C 217 -13.39 29.96 12.76
CA ILE C 217 -13.60 30.91 11.69
C ILE C 217 -13.95 30.26 10.34
N ILE C 218 -13.16 29.30 9.92
CA ILE C 218 -13.48 28.54 8.70
C ILE C 218 -14.88 27.96 8.76
N MET C 219 -15.28 27.52 9.95
CA MET C 219 -16.59 26.94 10.16
C MET C 219 -17.65 28.03 10.00
N ASP C 220 -17.42 29.18 10.64
CA ASP C 220 -18.33 30.31 10.50
C ASP C 220 -18.54 30.69 9.05
N ALA C 221 -17.45 30.71 8.29
CA ALA C 221 -17.48 31.18 6.90
C ALA C 221 -18.33 30.27 6.05
N GLU C 222 -18.08 28.97 6.17
CA GLU C 222 -18.92 27.96 5.52
C GLU C 222 -20.38 28.21 5.88
N SER C 223 -20.63 28.56 7.15
CA SER C 223 -21.98 28.84 7.61
C SER C 223 -22.60 30.07 6.97
N ALA C 224 -21.85 31.17 6.89
CA ALA C 224 -22.39 32.41 6.30
C ALA C 224 -22.68 32.22 4.81
N LEU C 225 -21.74 31.56 4.13
CA LEU C 225 -21.89 31.10 2.74
C LEU C 225 -23.12 30.23 2.46
N GLU C 226 -23.51 29.35 3.39
CA GLU C 226 -24.70 28.54 3.16
C GLU C 226 -25.94 29.42 3.19
N SER C 227 -26.10 30.19 4.26
CA SER C 227 -27.35 30.91 4.53
C SER C 227 -27.48 32.30 3.87
N TRP C 228 -26.72 32.53 2.79
CA TRP C 228 -26.85 33.75 1.99
C TRP C 228 -27.99 33.54 1.03
N THR C 229 -28.74 34.61 0.78
CA THR C 229 -29.86 34.58 -0.17
C THR C 229 -29.91 35.87 -0.97
N LEU C 230 -30.50 35.80 -2.15
CA LEU C 230 -30.50 36.92 -3.11
C LEU C 230 -31.08 38.21 -2.53
N ASP C 231 -32.01 38.10 -1.59
CA ASP C 231 -32.44 39.27 -0.86
C ASP C 231 -32.29 39.02 0.65
#